data_5ZJY
#
_entry.id   5ZJY
#
_cell.length_a   39.800
_cell.length_b   39.800
_cell.length_c   110.230
_cell.angle_alpha   90.00
_cell.angle_beta   90.00
_cell.angle_gamma   120.00
#
_symmetry.space_group_name_H-M   'P 31'
#
loop_
_entity.id
_entity.type
_entity.pdbx_description
1 polymer 'Eukaryotic translation initiation factor 4E'
2 polymer LYS-LYS-ARG-TYR-SER-ARG-2JN-GLN-LEU-LEU-2JN-PHE
3 non-polymer "7-METHYL-GUANOSINE-5'-TRIPHOSPHATE"
4 water water
#
loop_
_entity_poly.entity_id
_entity_poly.type
_entity_poly.pdbx_seq_one_letter_code
_entity_poly.pdbx_strand_id
1 'polypeptide(L)'
;MVANPEHYIKHPLQNRWALWFFKNDKSKTWQANLRLISKFDTVEDFWALYNHIQLSSNLMPGCDYSLFKDGIEPMWEDEK
NKRGGRWLITLNKQQRRSDLDRFWLETLLCLIGESFDDYSDDVCGAVVNVRAKGDKIAIWTTECENREAVTHIGRVYKER
LGLPPKIVIGYQSHADTATKSGSTTKNRFVV
;
A
2 'polypeptide(L)' (ACE)KKRYSR(2JN)QLL(2JN)F(NH2) B
#
loop_
_chem_comp.id
_chem_comp.type
_chem_comp.name
_chem_comp.formula
ACE non-polymer 'ACETYL GROUP' 'C2 H4 O'
MGP non-polymer 7-METHYL-GUANOSINE-5'-TRIPHOSPHATE 'C11 H19 N5 O14 P3 1'
NH2 non-polymer 'AMINO GROUP' 'H2 N'
#
# COMPACT_ATOMS: atom_id res chain seq x y z
N HIS A 7 12.64 -25.43 0.72
CA HIS A 7 11.26 -25.61 0.14
C HIS A 7 10.23 -26.11 1.17
N TYR A 8 10.63 -27.04 2.04
CA TYR A 8 9.68 -27.60 3.02
C TYR A 8 9.44 -26.63 4.19
N ILE A 9 10.48 -25.92 4.61
CA ILE A 9 10.38 -24.80 5.57
C ILE A 9 9.75 -23.53 4.98
N LYS A 10 8.86 -22.84 5.73
CA LYS A 10 8.33 -21.54 5.29
C LYS A 10 9.39 -20.43 5.28
N HIS A 11 9.24 -19.46 4.37
CA HIS A 11 10.18 -18.33 4.26
C HIS A 11 9.63 -17.11 5.02
N PRO A 12 10.24 -16.77 6.16
CA PRO A 12 9.71 -15.67 6.95
C PRO A 12 9.87 -14.28 6.32
N LEU A 13 8.86 -13.45 6.54
CA LEU A 13 8.93 -12.05 6.20
C LEU A 13 9.51 -11.29 7.38
N GLN A 14 10.05 -10.12 7.10
CA GLN A 14 10.57 -9.26 8.17
C GLN A 14 9.46 -8.83 9.14
N ASN A 15 8.28 -8.58 8.59
CA ASN A 15 7.14 -8.06 9.33
C ASN A 15 5.94 -8.97 9.09
N ARG A 16 5.08 -9.01 10.09
CA ARG A 16 3.75 -9.55 9.96
C ARG A 16 2.84 -8.43 9.41
N TRP A 17 2.02 -8.80 8.44
CA TRP A 17 1.16 -7.85 7.72
C TRP A 17 -0.27 -8.30 7.84
N ALA A 18 -1.18 -7.32 7.72
CA ALA A 18 -2.62 -7.56 7.81
C ALA A 18 -3.27 -6.98 6.58
N LEU A 19 -4.11 -7.79 5.95
CA LEU A 19 -4.91 -7.35 4.80
C LEU A 19 -6.28 -6.97 5.31
N TRP A 20 -6.73 -5.78 4.90
CA TRP A 20 -8.03 -5.19 5.26
C TRP A 20 -8.83 -4.93 4.01
N PHE A 21 -10.15 -5.01 4.15
CA PHE A 21 -11.07 -4.72 3.05
C PHE A 21 -12.03 -3.67 3.54
N PHE A 22 -12.35 -2.71 2.67
CA PHE A 22 -13.33 -1.68 3.00
C PHE A 22 -14.50 -1.93 2.05
N LYS A 23 -15.69 -2.16 2.61
CA LYS A 23 -16.89 -2.37 1.79
C LYS A 23 -17.66 -1.08 1.74
N ASN A 24 -17.91 -0.56 0.55
CA ASN A 24 -18.73 0.61 0.36
C ASN A 24 -20.16 0.33 0.88
N ASP A 25 -20.50 0.90 2.04
CA ASP A 25 -21.87 0.88 2.58
C ASP A 25 -22.17 2.22 3.27
N LYS A 26 -22.79 3.13 2.51
CA LYS A 26 -23.14 4.49 2.94
C LYS A 26 -23.99 4.60 4.22
N SER A 27 -24.76 3.54 4.54
CA SER A 27 -25.57 3.52 5.77
C SER A 27 -24.77 3.31 7.07
N LYS A 28 -23.47 3.01 6.96
CA LYS A 28 -22.59 2.84 8.14
C LYS A 28 -21.49 3.91 8.18
N THR A 29 -20.88 4.06 9.35
CA THR A 29 -19.75 4.99 9.54
C THR A 29 -18.52 4.40 8.81
N TRP A 30 -17.58 5.27 8.40
CA TRP A 30 -16.40 4.82 7.65
C TRP A 30 -15.66 3.69 8.38
N GLN A 31 -15.32 3.89 9.65
CA GLN A 31 -14.61 2.85 10.42
C GLN A 31 -15.32 1.49 10.50
N ALA A 32 -16.66 1.48 10.58
CA ALA A 32 -17.43 0.23 10.68
C ALA A 32 -17.39 -0.59 9.40
N ASN A 33 -17.11 0.07 8.27
CA ASN A 33 -16.95 -0.59 6.98
C ASN A 33 -15.60 -1.26 6.74
N LEU A 34 -14.64 -1.05 7.65
CA LEU A 34 -13.37 -1.79 7.63
C LEU A 34 -13.53 -3.20 8.16
N ARG A 35 -12.82 -4.13 7.50
CA ARG A 35 -12.86 -5.53 7.83
C ARG A 35 -11.43 -6.11 7.77
N LEU A 36 -10.92 -6.61 8.89
CA LEU A 36 -9.67 -7.37 8.87
C LEU A 36 -9.92 -8.72 8.18
N ILE A 37 -9.24 -8.94 7.05
CA ILE A 37 -9.34 -10.20 6.32
C ILE A 37 -8.45 -11.29 6.90
N SER A 38 -7.13 -11.03 6.97
CA SER A 38 -6.21 -12.01 7.57
CA SER A 38 -6.18 -12.06 7.39
C SER A 38 -4.83 -11.41 7.73
N LYS A 39 -4.01 -12.13 8.48
CA LYS A 39 -2.65 -11.73 8.76
C LYS A 39 -1.70 -12.83 8.31
N PHE A 40 -0.50 -12.44 7.90
CA PHE A 40 0.51 -13.41 7.47
C PHE A 40 1.91 -12.89 7.76
N ASP A 41 2.85 -13.81 7.91
CA ASP A 41 4.24 -13.45 8.14
C ASP A 41 5.24 -14.33 7.42
N THR A 42 4.78 -15.02 6.38
CA THR A 42 5.68 -15.74 5.49
C THR A 42 5.28 -15.50 4.05
N VAL A 43 6.23 -15.80 3.17
CA VAL A 43 6.01 -15.65 1.74
C VAL A 43 4.90 -16.60 1.27
N GLU A 44 4.97 -17.85 1.71
CA GLU A 44 3.97 -18.84 1.31
C GLU A 44 2.56 -18.45 1.75
N ASP A 45 2.44 -17.94 2.97
CA ASP A 45 1.16 -17.52 3.49
C ASP A 45 0.65 -16.25 2.79
N PHE A 46 1.53 -15.34 2.39
CA PHE A 46 1.12 -14.26 1.47
C PHE A 46 0.43 -14.79 0.22
N TRP A 47 1.09 -15.69 -0.49
CA TRP A 47 0.51 -16.19 -1.76
C TRP A 47 -0.76 -16.97 -1.55
N ALA A 48 -0.81 -17.77 -0.49
CA ALA A 48 -2.04 -18.52 -0.16
C ALA A 48 -3.25 -17.58 0.03
N LEU A 49 -3.01 -16.42 0.60
CA LEU A 49 -4.03 -15.40 0.78
C LEU A 49 -4.34 -14.72 -0.57
N TYR A 50 -3.31 -14.17 -1.20
CA TYR A 50 -3.46 -13.42 -2.45
C TYR A 50 -4.14 -14.21 -3.55
N ASN A 51 -3.74 -15.48 -3.70
CA ASN A 51 -4.26 -16.30 -4.79
C ASN A 51 -5.72 -16.69 -4.62
N HIS A 52 -6.30 -16.49 -3.44
CA HIS A 52 -7.66 -16.91 -3.15
C HIS A 52 -8.57 -15.77 -2.65
N ILE A 53 -8.23 -14.54 -2.98
CA ILE A 53 -9.12 -13.40 -2.77
C ILE A 53 -9.38 -12.75 -4.10
N GLN A 54 -10.45 -11.95 -4.13
CA GLN A 54 -10.85 -11.28 -5.33
C GLN A 54 -9.84 -10.21 -5.73
N LEU A 55 -9.59 -10.12 -7.03
CA LEU A 55 -8.75 -9.09 -7.61
C LEU A 55 -9.33 -7.70 -7.40
N SER A 56 -8.46 -6.71 -7.25
CA SER A 56 -8.87 -5.31 -7.11
C SER A 56 -9.74 -4.85 -8.26
N SER A 57 -9.42 -5.31 -9.47
CA SER A 57 -10.18 -4.96 -10.66
C SER A 57 -11.61 -5.48 -10.68
N ASN A 58 -11.93 -6.44 -9.81
CA ASN A 58 -13.27 -7.02 -9.71
C ASN A 58 -14.05 -6.49 -8.49
N LEU A 59 -13.46 -5.56 -7.74
CA LEU A 59 -14.18 -4.92 -6.64
C LEU A 59 -15.19 -3.86 -7.11
N MET A 60 -16.25 -3.67 -6.32
CA MET A 60 -17.23 -2.61 -6.56
CA MET A 60 -17.22 -2.62 -6.59
C MET A 60 -16.58 -1.26 -6.30
N PRO A 61 -16.98 -0.21 -7.06
CA PRO A 61 -16.44 1.12 -6.76
C PRO A 61 -16.80 1.56 -5.36
N GLY A 62 -15.87 2.27 -4.73
CA GLY A 62 -15.95 2.66 -3.34
C GLY A 62 -15.29 1.69 -2.37
N CYS A 63 -14.96 0.48 -2.84
CA CYS A 63 -14.24 -0.52 -2.01
C CYS A 63 -12.73 -0.30 -2.06
N ASP A 64 -12.06 -0.78 -1.01
CA ASP A 64 -10.61 -0.69 -0.89
C ASP A 64 -10.04 -2.02 -0.41
N TYR A 65 -8.77 -2.22 -0.72
CA TYR A 65 -7.91 -3.16 0.01
C TYR A 65 -6.79 -2.33 0.63
N SER A 66 -6.38 -2.73 1.83
CA SER A 66 -5.24 -2.11 2.51
C SER A 66 -4.33 -3.21 3.05
N LEU A 67 -3.02 -3.03 2.92
CA LEU A 67 -2.09 -3.96 3.58
C LEU A 67 -1.21 -3.16 4.53
N PHE A 68 -1.31 -3.45 5.83
CA PHE A 68 -0.60 -2.63 6.86
C PHE A 68 0.13 -3.52 7.83
N LYS A 69 1.26 -3.03 8.35
CA LYS A 69 1.98 -3.76 9.39
C LYS A 69 1.04 -4.11 10.53
N ASP A 70 1.23 -5.30 11.08
CA ASP A 70 0.47 -5.80 12.21
C ASP A 70 0.45 -4.73 13.30
N GLY A 71 -0.75 -4.40 13.76
CA GLY A 71 -0.92 -3.44 14.83
C GLY A 71 -1.16 -2.01 14.37
N ILE A 72 -1.07 -1.75 13.05
CA ILE A 72 -1.40 -0.43 12.51
C ILE A 72 -2.70 -0.57 11.75
N GLU A 73 -3.75 0.11 12.23
CA GLU A 73 -5.01 0.14 11.51
C GLU A 73 -4.89 1.07 10.30
N PRO A 74 -5.57 0.74 9.18
CA PRO A 74 -5.39 1.47 7.91
C PRO A 74 -6.22 2.75 7.86
N MET A 75 -6.00 3.59 8.87
CA MET A 75 -6.74 4.83 9.02
C MET A 75 -5.84 5.94 9.54
N TRP A 76 -6.19 7.17 9.16
CA TRP A 76 -5.44 8.36 9.56
C TRP A 76 -5.17 8.41 11.05
N GLU A 77 -6.19 8.01 11.82
CA GLU A 77 -6.18 8.19 13.28
C GLU A 77 -5.22 7.32 14.05
N ASP A 78 -4.74 6.24 13.44
CA ASP A 78 -3.79 5.39 14.10
C ASP A 78 -2.58 6.22 14.51
N GLU A 79 -2.03 5.92 15.68
CA GLU A 79 -0.87 6.62 16.18
C GLU A 79 0.27 6.64 15.16
N LYS A 80 0.43 5.55 14.42
CA LYS A 80 1.50 5.44 13.44
C LYS A 80 1.20 6.11 12.11
N ASN A 81 -0.03 6.52 11.87
CA ASN A 81 -0.40 7.25 10.66
C ASN A 81 -0.64 8.74 10.85
N LYS A 82 -1.04 9.17 12.05
CA LYS A 82 -1.59 10.52 12.19
C LYS A 82 -0.59 11.66 11.91
N ARG A 83 0.71 11.43 12.12
CA ARG A 83 1.74 12.41 11.77
C ARG A 83 2.34 12.16 10.39
N GLY A 84 1.77 11.19 9.68
CA GLY A 84 2.32 10.73 8.40
C GLY A 84 1.56 11.17 7.19
N GLY A 85 1.70 10.41 6.12
CA GLY A 85 1.20 10.83 4.82
C GLY A 85 1.33 9.74 3.80
N ARG A 86 1.04 10.06 2.54
CA ARG A 86 1.03 9.05 1.49
C ARG A 86 1.63 9.56 0.21
N TRP A 87 2.38 8.67 -0.44
CA TRP A 87 2.69 8.77 -1.86
C TRP A 87 1.48 8.30 -2.64
N LEU A 88 0.89 9.17 -3.46
CA LEU A 88 -0.37 8.89 -4.17
C LEU A 88 -0.16 8.74 -5.67
N ILE A 89 -0.70 7.66 -6.21
CA ILE A 89 -0.71 7.38 -7.64
C ILE A 89 -2.18 7.37 -8.07
N THR A 90 -2.60 8.26 -8.98
CA THR A 90 -3.96 8.22 -9.50
C THR A 90 -3.93 7.71 -10.94
N LEU A 91 -4.68 6.64 -11.18
CA LEU A 91 -4.65 5.91 -12.45
C LEU A 91 -5.85 6.24 -13.35
N ASN A 92 -5.65 6.21 -14.67
CA ASN A 92 -6.75 6.32 -15.62
C ASN A 92 -7.67 5.10 -15.54
N LYS A 93 -8.98 5.36 -15.68
CA LYS A 93 -10.00 4.33 -15.54
C LYS A 93 -9.93 3.25 -16.62
N GLN A 94 -9.57 3.66 -17.84
CA GLN A 94 -9.61 2.80 -19.03
C GLN A 94 -8.89 1.44 -18.87
N GLN A 95 -7.75 1.46 -18.19
CA GLN A 95 -6.90 0.28 -18.07
C GLN A 95 -7.07 -0.53 -16.78
N ARG A 96 -8.10 -0.27 -15.96
CA ARG A 96 -8.31 -1.04 -14.70
C ARG A 96 -8.25 -2.54 -14.92
N ARG A 97 -9.01 -3.01 -15.90
CA ARG A 97 -9.01 -4.43 -16.27
C ARG A 97 -7.60 -4.92 -16.61
N SER A 98 -6.85 -4.07 -17.30
CA SER A 98 -5.51 -4.40 -17.80
C SER A 98 -4.36 -4.20 -16.79
N ASP A 99 -4.46 -3.18 -15.92
CA ASP A 99 -3.29 -2.70 -15.14
C ASP A 99 -3.44 -2.41 -13.64
N LEU A 100 -4.65 -2.25 -13.11
CA LEU A 100 -4.80 -1.98 -11.67
C LEU A 100 -4.20 -3.12 -10.84
N ASP A 101 -4.58 -4.34 -11.17
CA ASP A 101 -4.12 -5.52 -10.43
C ASP A 101 -2.60 -5.62 -10.43
N ARG A 102 -1.97 -5.32 -11.57
CA ARG A 102 -0.52 -5.39 -11.69
C ARG A 102 0.14 -4.37 -10.77
N PHE A 103 -0.36 -3.14 -10.81
CA PHE A 103 0.20 -2.09 -9.96
C PHE A 103 0.01 -2.41 -8.48
N TRP A 104 -1.16 -2.96 -8.13
CA TRP A 104 -1.39 -3.28 -6.72
C TRP A 104 -0.47 -4.41 -6.29
N LEU A 105 -0.34 -5.44 -7.12
CA LEU A 105 0.56 -6.54 -6.72
C LEU A 105 2.00 -6.05 -6.59
N GLU A 106 2.45 -5.20 -7.51
CA GLU A 106 3.80 -4.66 -7.44
C GLU A 106 3.99 -3.91 -6.11
N THR A 107 2.95 -3.20 -5.70
CA THR A 107 2.96 -2.46 -4.45
C THR A 107 3.05 -3.43 -3.26
N LEU A 108 2.22 -4.47 -3.26
CA LEU A 108 2.30 -5.51 -2.20
C LEU A 108 3.70 -6.12 -2.11
N LEU A 109 4.34 -6.41 -3.25
CA LEU A 109 5.65 -7.02 -3.23
C LEU A 109 6.72 -6.08 -2.69
N CYS A 110 6.58 -4.78 -2.98
CA CYS A 110 7.48 -3.77 -2.41
C CYS A 110 7.41 -3.79 -0.89
N LEU A 111 6.19 -3.88 -0.35
CA LEU A 111 6.02 -3.89 1.09
C LEU A 111 6.64 -5.12 1.72
N ILE A 112 6.15 -6.28 1.30
CA ILE A 112 6.44 -7.53 2.01
C ILE A 112 7.91 -7.93 1.83
N GLY A 113 8.47 -7.61 0.66
CA GLY A 113 9.90 -7.84 0.39
C GLY A 113 10.86 -6.85 1.01
N GLU A 114 10.34 -5.81 1.65
CA GLU A 114 11.11 -4.78 2.32
C GLU A 114 12.00 -4.04 1.30
N SER A 115 11.37 -3.60 0.20
CA SER A 115 12.12 -2.97 -0.88
C SER A 115 12.67 -1.58 -0.57
N PHE A 116 12.23 -0.96 0.51
CA PHE A 116 12.64 0.39 0.88
C PHE A 116 13.90 0.45 1.73
N ASP A 117 14.65 -0.65 1.75
CA ASP A 117 16.07 -0.60 2.15
C ASP A 117 16.10 -0.16 3.63
N ASP A 118 16.91 0.83 4.00
CA ASP A 118 17.03 1.29 5.39
C ASP A 118 15.86 2.13 5.88
N TYR A 119 14.89 2.44 5.02
CA TYR A 119 13.74 3.22 5.41
C TYR A 119 12.48 2.37 5.58
N SER A 120 12.70 1.07 5.76
CA SER A 120 11.60 0.13 6.02
CA SER A 120 11.65 0.07 6.08
C SER A 120 10.76 0.47 7.24
N ASP A 121 11.38 0.94 8.34
CA ASP A 121 10.63 1.27 9.52
C ASP A 121 9.59 2.38 9.31
N ASP A 122 9.84 3.31 8.38
CA ASP A 122 8.90 4.39 8.11
C ASP A 122 7.63 3.94 7.36
N VAL A 123 7.64 2.77 6.73
CA VAL A 123 6.50 2.32 5.95
C VAL A 123 5.44 1.81 6.91
N CYS A 124 4.19 2.26 6.73
CA CYS A 124 3.05 1.72 7.46
C CYS A 124 2.28 0.69 6.65
N GLY A 125 2.04 1.00 5.37
CA GLY A 125 1.26 0.11 4.56
C GLY A 125 0.94 0.73 3.23
N ALA A 126 -0.03 0.12 2.54
CA ALA A 126 -0.49 0.62 1.27
C ALA A 126 -2.00 0.40 1.13
N VAL A 127 -2.62 1.19 0.26
CA VAL A 127 -4.05 1.20 0.07
C VAL A 127 -4.34 1.30 -1.43
N VAL A 128 -5.27 0.49 -1.91
CA VAL A 128 -5.84 0.65 -3.24
C VAL A 128 -7.32 1.03 -3.12
N ASN A 129 -7.69 2.14 -3.76
CA ASN A 129 -9.08 2.60 -3.78
C ASN A 129 -9.63 2.36 -5.18
N VAL A 130 -10.71 1.61 -5.29
CA VAL A 130 -11.40 1.42 -6.57
C VAL A 130 -12.48 2.52 -6.63
N ARG A 131 -12.36 3.42 -7.61
CA ARG A 131 -13.20 4.61 -7.64
C ARG A 131 -13.61 4.95 -9.07
N ALA A 132 -14.87 5.37 -9.20
CA ALA A 132 -15.39 5.82 -10.49
C ALA A 132 -14.54 6.94 -11.13
N LYS A 133 -14.10 7.90 -10.32
CA LYS A 133 -13.32 9.05 -10.80
C LYS A 133 -11.86 8.74 -11.13
N GLY A 134 -11.38 7.53 -10.80
CA GLY A 134 -10.02 7.14 -11.08
C GLY A 134 -9.53 6.34 -9.89
N ASP A 135 -8.90 5.21 -10.18
CA ASP A 135 -8.40 4.36 -9.08
C ASP A 135 -7.14 4.97 -8.51
N LYS A 136 -6.89 4.72 -7.23
CA LYS A 136 -5.74 5.28 -6.55
C LYS A 136 -4.99 4.14 -5.85
N ILE A 137 -3.67 4.22 -5.89
CA ILE A 137 -2.84 3.36 -5.03
C ILE A 137 -1.90 4.29 -4.26
N ALA A 138 -1.65 3.98 -2.99
CA ALA A 138 -0.80 4.81 -2.20
C ALA A 138 0.03 4.03 -1.22
N ILE A 139 1.24 4.50 -0.98
CA ILE A 139 2.05 4.01 0.13
C ILE A 139 1.97 5.03 1.28
N TRP A 140 1.59 4.51 2.43
CA TRP A 140 1.49 5.31 3.65
C TRP A 140 2.75 5.18 4.53
N THR A 141 3.28 6.31 4.96
CA THR A 141 4.48 6.34 5.84
C THR A 141 4.15 7.09 7.11
N THR A 142 5.00 6.93 8.11
CA THR A 142 4.65 7.27 9.48
C THR A 142 4.87 8.73 9.87
N GLU A 143 5.79 9.42 9.19
CA GLU A 143 6.18 10.77 9.62
C GLU A 143 6.50 11.68 8.44
N CYS A 144 5.64 12.68 8.23
CA CYS A 144 5.83 13.58 7.10
CA CYS A 144 5.82 13.70 7.18
C CYS A 144 7.13 14.42 7.24
N GLU A 145 7.61 14.63 8.45
CA GLU A 145 8.86 15.40 8.65
C GLU A 145 10.14 14.64 8.28
N ASN A 146 10.06 13.32 8.12
CA ASN A 146 11.26 12.51 7.84
C ASN A 146 11.53 12.54 6.35
N ARG A 147 12.13 13.64 5.90
CA ARG A 147 12.35 13.92 4.48
CA ARG A 147 12.32 13.91 4.47
C ARG A 147 13.14 12.83 3.77
N GLU A 148 14.24 12.42 4.39
CA GLU A 148 15.10 11.41 3.79
C GLU A 148 14.31 10.13 3.53
N ALA A 149 13.59 9.66 4.55
CA ALA A 149 12.82 8.42 4.45
C ALA A 149 11.71 8.55 3.41
N VAL A 150 10.94 9.62 3.52
CA VAL A 150 9.79 9.82 2.63
C VAL A 150 10.23 9.87 1.17
N THR A 151 11.27 10.66 0.88
CA THR A 151 11.73 10.81 -0.50
C THR A 151 12.43 9.57 -1.04
N HIS A 152 13.18 8.84 -0.21
CA HIS A 152 13.71 7.54 -0.67
C HIS A 152 12.58 6.55 -1.04
N ILE A 153 11.55 6.49 -0.19
CA ILE A 153 10.44 5.55 -0.41
C ILE A 153 9.76 5.94 -1.73
N GLY A 154 9.49 7.22 -1.88
CA GLY A 154 8.93 7.75 -3.13
C GLY A 154 9.69 7.32 -4.37
N ARG A 155 11.00 7.52 -4.34
CA ARG A 155 11.82 7.21 -5.50
C ARG A 155 11.85 5.74 -5.82
N VAL A 156 11.98 4.90 -4.80
CA VAL A 156 12.00 3.45 -5.02
C VAL A 156 10.67 2.96 -5.56
N TYR A 157 9.58 3.51 -4.99
CA TYR A 157 8.24 3.15 -5.44
C TYR A 157 7.98 3.51 -6.88
N LYS A 158 8.32 4.75 -7.25
CA LYS A 158 8.20 5.24 -8.61
C LYS A 158 8.96 4.31 -9.59
N GLU A 159 10.20 3.98 -9.23
CA GLU A 159 11.02 3.04 -10.02
C GLU A 159 10.35 1.67 -10.17
N ARG A 160 9.80 1.12 -9.09
CA ARG A 160 9.18 -0.21 -9.14
C ARG A 160 7.87 -0.27 -9.92
N LEU A 161 7.15 0.84 -10.00
CA LEU A 161 6.00 0.96 -10.89
C LEU A 161 6.39 1.24 -12.36
N GLY A 162 7.63 1.61 -12.62
CA GLY A 162 8.09 1.91 -13.99
C GLY A 162 7.74 3.29 -14.52
N LEU A 163 7.37 4.21 -13.64
CA LEU A 163 7.10 5.58 -14.06
C LEU A 163 8.41 6.27 -14.50
N PRO A 164 8.40 6.94 -15.66
CA PRO A 164 9.64 7.56 -16.15
C PRO A 164 10.00 8.86 -15.41
N PRO A 165 11.25 9.36 -15.61
CA PRO A 165 11.75 10.58 -14.95
C PRO A 165 10.82 11.79 -15.09
N LYS A 166 10.21 11.93 -16.26
CA LYS A 166 9.25 13.00 -16.56
C LYS A 166 8.09 13.04 -15.57
N ILE A 167 7.55 11.86 -15.24
CA ILE A 167 6.32 11.73 -14.45
C ILE A 167 6.62 11.93 -12.97
N VAL A 168 6.03 12.97 -12.39
CA VAL A 168 6.29 13.36 -11.02
C VAL A 168 5.11 12.89 -10.16
N ILE A 169 5.41 12.32 -8.99
CA ILE A 169 4.36 11.94 -8.03
C ILE A 169 4.58 12.74 -6.76
N GLY A 170 3.52 12.83 -5.97
CA GLY A 170 3.47 13.71 -4.81
C GLY A 170 3.11 13.01 -3.51
N TYR A 171 3.61 13.56 -2.41
CA TYR A 171 3.35 13.09 -1.07
C TYR A 171 2.58 14.20 -0.34
N GLN A 172 1.48 13.81 0.27
CA GLN A 172 0.68 14.72 1.09
C GLN A 172 0.45 14.14 2.47
N SER A 173 0.44 15.02 3.48
CA SER A 173 0.19 14.59 4.84
C SER A 173 -1.29 14.23 4.99
N HIS A 174 -1.57 13.24 5.82
CA HIS A 174 -2.93 12.85 6.12
C HIS A 174 -3.71 13.99 6.78
N ALA A 175 -3.04 14.72 7.66
CA ALA A 175 -3.65 15.89 8.32
C ALA A 175 -4.19 16.89 7.28
N ASP A 176 -3.41 17.15 6.23
CA ASP A 176 -3.84 18.05 5.13
C ASP A 176 -4.99 17.47 4.31
N THR A 177 -4.91 16.18 3.96
CA THR A 177 -6.01 15.50 3.26
C THR A 177 -7.32 15.55 4.05
N ALA A 178 -7.23 15.37 5.36
CA ALA A 178 -8.42 15.24 6.19
C ALA A 178 -9.05 16.59 6.51
N THR A 179 -8.27 17.67 6.51
CA THR A 179 -8.80 19.03 6.66
C THR A 179 -9.59 19.45 5.41
N THR A 185 -5.47 20.15 -1.88
CA THR A 185 -4.34 19.58 -1.12
C THR A 185 -3.04 19.67 -1.93
N LYS A 186 -1.99 20.21 -1.31
CA LYS A 186 -0.69 20.39 -1.96
C LYS A 186 0.29 19.26 -1.59
N ASN A 187 1.37 19.17 -2.37
CA ASN A 187 2.41 18.16 -2.17
C ASN A 187 3.54 18.69 -1.30
N ARG A 188 3.75 18.02 -0.17
CA ARG A 188 4.89 18.28 0.72
C ARG A 188 6.18 17.97 0.00
N PHE A 189 6.19 16.85 -0.74
CA PHE A 189 7.36 16.43 -1.50
C PHE A 189 6.89 15.93 -2.84
N VAL A 190 7.79 15.97 -3.81
CA VAL A 190 7.61 15.33 -5.09
C VAL A 190 8.89 14.61 -5.47
N VAL A 191 8.74 13.54 -6.23
CA VAL A 191 9.86 12.81 -6.81
C VAL A 191 9.47 12.39 -8.22
C ACE B 1 18.21 -5.99 6.97
O ACE B 1 18.61 -5.63 8.05
CH3 ACE B 1 18.67 -5.21 5.76
N LYS B 2 17.44 -7.07 6.77
CA LYS B 2 17.16 -8.08 7.81
C LYS B 2 16.46 -9.29 7.22
N LYS B 3 15.25 -9.16 6.69
CA LYS B 3 14.72 -10.18 5.78
C LYS B 3 14.18 -9.46 4.56
N ARG B 4 14.94 -9.49 3.47
CA ARG B 4 14.56 -8.83 2.23
C ARG B 4 14.37 -9.88 1.15
N TYR B 5 13.44 -9.60 0.25
CA TYR B 5 13.25 -10.45 -0.93
C TYR B 5 13.08 -9.55 -2.12
N SER B 6 13.76 -9.91 -3.20
CA SER B 6 13.50 -9.27 -4.47
C SER B 6 12.15 -9.69 -5.03
N ARG B 7 11.69 -8.90 -5.96
CA ARG B 7 10.50 -9.20 -6.72
C ARG B 7 10.64 -10.61 -7.35
O 2JN B 8 11.14 -14.32 -7.73
C 2JN B 8 11.86 -13.31 -7.51
CA 2JN B 8 11.82 -12.24 -8.54
CAA 2JN B 8 13.31 -12.19 -9.00
N 2JN B 8 11.80 -10.93 -8.02
CAO 2JN B 8 11.16 -12.46 -9.89
CAM 2JN B 8 11.54 -13.69 -10.71
CAK 2JN B 8 10.42 -14.04 -11.70
CAI 2JN B 8 10.89 -15.19 -12.55
N GLN B 9 12.44 -13.14 -6.37
CA GLN B 9 12.36 -14.18 -5.34
C GLN B 9 10.94 -14.35 -4.82
N LEU B 10 10.21 -13.25 -4.64
CA LEU B 10 8.81 -13.40 -4.20
C LEU B 10 7.93 -14.12 -5.22
N LEU B 11 8.06 -13.75 -6.49
CA LEU B 11 7.22 -14.32 -7.50
C LEU B 11 7.52 -15.80 -7.76
O 2JN B 12 8.10 -19.81 -7.39
C 2JN B 12 8.17 -18.64 -6.98
CA 2JN B 12 8.88 -17.67 -7.87
CAA 2JN B 12 10.28 -17.77 -7.22
N 2JN B 12 8.78 -16.26 -7.54
CAO 2JN B 12 9.28 -18.18 -9.26
CAM 2JN B 12 10.10 -17.24 -10.13
CAK 2JN B 12 9.47 -17.01 -11.50
CAI 2JN B 12 10.50 -16.48 -12.48
N PHE B 13 7.56 -18.23 -5.94
CA PHE B 13 6.80 -19.11 -5.05
C PHE B 13 5.42 -19.50 -5.57
N NH2 B 14 5.31 -20.76 -6.22
PA MGP C . -11.41 8.19 0.29
O1A MGP C . -12.27 6.99 0.16
O2A MGP C . -9.99 8.07 0.74
O3A MGP C . -11.36 9.08 -1.04
O5' MGP C . -12.12 9.23 1.31
PB MGP C . -12.44 9.16 -2.23
O1B MGP C . -13.61 8.26 -1.93
O2B MGP C . -11.72 8.90 -3.51
O3B MGP C . -12.87 10.69 -2.09
PC MGP C . -11.86 11.96 -2.18
O1C MGP C . -10.50 11.42 -2.56
O2C MGP C . -11.93 12.53 -0.78
O3C MGP C . -12.49 12.79 -3.27
C5' MGP C . -13.52 9.47 1.31
C4' MGP C . -14.05 9.71 2.72
O4' MGP C . -13.91 8.54 3.52
C3' MGP C . -13.33 10.81 3.48
O3' MGP C . -13.86 12.09 3.17
C2' MGP C . -13.55 10.39 4.92
O2' MGP C . -14.87 10.70 5.39
C1' MGP C . -13.51 8.89 4.85
N9 MGP C . -12.15 8.39 5.16
C8 MGP C . -11.16 7.98 4.32
N7 MGP C . -10.05 7.60 5.01
CM7 MGP C . -8.79 7.10 4.43
C5 MGP C . -10.35 7.75 6.30
C6 MGP C . -9.62 7.50 7.55
O6 MGP C . -8.45 7.06 7.56
N1 MGP C . -10.26 7.80 8.69
C2 MGP C . -11.53 8.27 8.72
N2 MGP C . -12.11 8.53 9.91
N3 MGP C . -12.25 8.51 7.62
C4 MGP C . -11.71 8.28 6.40
#